data_9KSO
#
_entry.id   9KSO
#
_cell.length_a   80.170
_cell.length_b   119.800
_cell.length_c   47.380
_cell.angle_alpha   90.00
_cell.angle_beta   90.00
_cell.angle_gamma   90.00
#
_symmetry.space_group_name_H-M   'P 21 21 2'
#
loop_
_entity.id
_entity.type
_entity.pdbx_description
1 polymer 'UDP-glycosyltransferase 79B30-like'
2 non-polymer "URIDINE-5'-DIPHOSPHATE"
3 non-polymer Astragalin
4 water water
#
_entity_poly.entity_id   1
_entity_poly.type   'polypeptide(L)'
_entity_poly.pdbx_seq_one_letter_code
;SSLHIAMFPWFAMGHLIPYLHLSNKLAKRGHKISFFTPKKTQTKLEQFNLYPNLITFYPLNVPHVDGLPFGAETTSDVAI
SLGPILMTAMDQTQNQIELLLTQLKPQIIFFDFVFWLPKITQRLGIKSFLYFIINPATISYTTSPPRMFEAENLTEVDLM
KPPKGYPTSFNLQSHEAKHLASTRKIEFGSGIPFSVRSYNCLSLTDAIGFKGCREIEGPYVDYLQEQFGKPVLLSGPVLP
EQSKTALDEKWGSWLGGFKDGSLVYCALGSELKLKQDQFHELLLGLELTGFPFLAILKPPVGFETIEDALPEGFKERVKE
KGIVHSGWIQQQLILEHPSVGCFVTHCGAGSITEGLVNNCQMVLLPQLNGDYIINARIMGRHLKVGVEVKKGEEDGLFTK
ESVYEAVKIVMDDENEIGREVRSNHTKVRNLLLRHDLESSCLDTFCEKLQELVS
;
_entity_poly.pdbx_strand_id   A
#
loop_
_chem_comp.id
_chem_comp.type
_chem_comp.name
_chem_comp.formula
A1EGV D-saccharide Astragalin 'C21 H20 O11'
UDP RNA linking URIDINE-5'-DIPHOSPHATE 'C9 H14 N2 O12 P2'
#
# COMPACT_ATOMS: atom_id res chain seq x y z
N SER A 1 25.59 18.51 -3.31
CA SER A 1 26.37 17.32 -3.00
C SER A 1 25.46 16.10 -2.78
N SER A 2 25.84 14.96 -3.36
CA SER A 2 24.99 13.79 -3.32
C SER A 2 24.98 13.15 -1.94
N LEU A 3 23.84 12.56 -1.58
CA LEU A 3 23.61 11.98 -0.27
C LEU A 3 23.77 10.46 -0.32
N HIS A 4 24.18 9.89 0.81
CA HIS A 4 24.17 8.45 1.00
C HIS A 4 22.99 8.12 1.91
N ILE A 5 22.00 7.41 1.35
CA ILE A 5 20.78 7.10 2.06
C ILE A 5 20.68 5.59 2.19
N ALA A 6 20.37 5.13 3.40
CA ALA A 6 20.04 3.73 3.60
C ALA A 6 18.53 3.59 3.66
N MET A 7 18.03 2.45 3.18
CA MET A 7 16.61 2.14 3.08
C MET A 7 16.34 0.90 3.92
N PHE A 8 15.45 1.03 4.91
CA PHE A 8 15.07 -0.08 5.79
C PHE A 8 13.55 -0.18 5.84
N PRO A 9 12.92 -0.66 4.76
CA PRO A 9 11.45 -0.78 4.76
C PRO A 9 10.97 -2.01 5.53
N TRP A 10 9.71 -1.94 5.96
CA TRP A 10 9.05 -3.10 6.52
C TRP A 10 9.07 -4.27 5.52
N PHE A 11 8.99 -5.49 6.06
CA PHE A 11 9.12 -6.72 5.29
C PHE A 11 7.80 -7.06 4.60
N ALA A 12 7.48 -6.26 3.58
CA ALA A 12 6.23 -6.39 2.86
C ALA A 12 6.48 -5.92 1.44
N MET A 13 5.90 -6.62 0.46
CA MET A 13 6.10 -6.20 -0.92
C MET A 13 5.54 -4.80 -1.17
N GLY A 14 4.45 -4.43 -0.47
CA GLY A 14 3.87 -3.11 -0.56
C GLY A 14 4.73 -2.01 0.02
N HIS A 15 5.78 -2.34 0.76
CA HIS A 15 6.76 -1.37 1.19
C HIS A 15 8.05 -1.46 0.41
N LEU A 16 8.51 -2.68 0.15
CA LEU A 16 9.74 -2.86 -0.62
C LEU A 16 9.63 -2.25 -2.01
N ILE A 17 8.50 -2.45 -2.68
CA ILE A 17 8.38 -2.01 -4.06
C ILE A 17 8.41 -0.48 -4.17
N PRO A 18 7.60 0.29 -3.42
CA PRO A 18 7.72 1.75 -3.55
C PRO A 18 9.01 2.31 -2.98
N TYR A 19 9.60 1.68 -1.96
CA TYR A 19 10.92 2.15 -1.53
C TYR A 19 11.93 2.00 -2.67
N LEU A 20 11.79 0.95 -3.47
CA LEU A 20 12.71 0.76 -4.59
C LEU A 20 12.38 1.73 -5.73
N HIS A 21 11.10 1.97 -6.00
CA HIS A 21 10.73 2.99 -6.98
C HIS A 21 11.40 4.32 -6.63
N LEU A 22 11.27 4.74 -5.36
CA LEU A 22 11.86 6.01 -4.93
C LEU A 22 13.38 5.97 -4.97
N SER A 23 13.97 4.82 -4.59
CA SER A 23 15.42 4.63 -4.70
C SER A 23 15.92 4.90 -6.12
N ASN A 24 15.22 4.36 -7.12
CA ASN A 24 15.62 4.62 -8.49
C ASN A 24 15.58 6.12 -8.81
N LYS A 25 14.54 6.82 -8.35
CA LYS A 25 14.44 8.26 -8.63
C LYS A 25 15.54 9.03 -7.94
N LEU A 26 15.93 8.60 -6.73
CA LEU A 26 17.01 9.29 -6.04
C LEU A 26 18.35 9.00 -6.69
N ALA A 27 18.53 7.78 -7.17
CA ALA A 27 19.80 7.41 -7.79
C ALA A 27 19.96 8.09 -9.13
N LYS A 28 18.86 8.32 -9.84
CA LYS A 28 18.93 9.08 -11.08
C LYS A 28 19.48 10.47 -10.81
N ARG A 29 19.25 11.00 -9.59
CA ARG A 29 19.75 12.32 -9.20
C ARG A 29 21.16 12.26 -8.62
N GLY A 30 21.82 11.09 -8.65
CA GLY A 30 23.18 10.95 -8.17
C GLY A 30 23.33 10.46 -6.75
N HIS A 31 22.23 10.19 -6.05
CA HIS A 31 22.34 9.78 -4.65
C HIS A 31 22.66 8.29 -4.56
N LYS A 32 23.46 7.93 -3.55
CA LYS A 32 23.86 6.55 -3.33
C LYS A 32 22.91 5.92 -2.31
N ILE A 33 22.42 4.73 -2.63
CA ILE A 33 21.40 4.06 -1.85
C ILE A 33 21.94 2.74 -1.34
N SER A 34 21.88 2.54 -0.01
CA SER A 34 22.15 1.24 0.59
C SER A 34 20.82 0.63 0.98
N PHE A 35 20.38 -0.38 0.24
CA PHE A 35 19.01 -0.91 0.36
C PHE A 35 19.03 -2.20 1.17
N PHE A 36 18.51 -2.15 2.40
CA PHE A 36 18.47 -3.33 3.26
C PHE A 36 17.22 -4.16 2.94
N THR A 37 17.41 -5.44 2.67
CA THR A 37 16.32 -6.31 2.26
C THR A 37 16.52 -7.70 2.84
N PRO A 38 15.43 -8.38 3.17
CA PRO A 38 15.50 -9.82 3.49
C PRO A 38 16.26 -10.59 2.42
N LYS A 39 17.07 -11.56 2.87
CA LYS A 39 18.06 -12.19 2.00
C LYS A 39 17.43 -12.84 0.78
N LYS A 40 16.49 -13.76 0.97
CA LYS A 40 15.92 -14.46 -0.18
C LYS A 40 15.08 -13.54 -1.05
N THR A 41 14.45 -12.53 -0.45
CA THR A 41 13.62 -11.59 -1.20
C THR A 41 14.42 -10.76 -2.18
N GLN A 42 15.73 -10.58 -1.95
CA GLN A 42 16.54 -9.77 -2.87
C GLN A 42 16.40 -10.23 -4.31
N THR A 43 16.39 -11.55 -4.55
CA THR A 43 16.33 -12.04 -5.93
C THR A 43 15.07 -11.55 -6.65
N LYS A 44 13.97 -11.35 -5.92
CA LYS A 44 12.76 -10.82 -6.54
C LYS A 44 12.81 -9.31 -6.75
N LEU A 45 13.82 -8.63 -6.19
CA LEU A 45 13.89 -7.18 -6.27
C LEU A 45 14.89 -6.68 -7.32
N GLU A 46 15.80 -7.54 -7.78
CA GLU A 46 16.82 -7.10 -8.75
C GLU A 46 16.19 -6.57 -10.02
N GLN A 47 15.09 -7.20 -10.43
CA GLN A 47 14.11 -6.78 -11.41
C GLN A 47 13.97 -5.27 -11.51
N PHE A 48 13.94 -4.59 -10.36
CA PHE A 48 13.59 -3.19 -10.32
C PHE A 48 14.77 -2.27 -10.05
N ASN A 49 15.98 -2.81 -9.85
CA ASN A 49 17.15 -1.98 -9.64
C ASN A 49 17.65 -1.50 -10.99
N LEU A 50 17.32 -0.25 -11.32
CA LEU A 50 17.69 0.36 -12.58
C LEU A 50 19.03 1.08 -12.51
N TYR A 51 19.62 1.21 -11.32
CA TYR A 51 20.91 1.91 -11.16
C TYR A 51 21.83 1.08 -10.26
N PRO A 52 22.23 -0.12 -10.70
CA PRO A 52 22.97 -1.02 -9.79
C PRO A 52 24.32 -0.47 -9.35
N ASN A 53 24.86 0.53 -10.04
CA ASN A 53 26.11 1.13 -9.62
C ASN A 53 25.93 2.07 -8.45
N LEU A 54 24.70 2.52 -8.18
CA LEU A 54 24.41 3.43 -7.07
C LEU A 54 23.52 2.81 -6.00
N ILE A 55 22.69 1.84 -6.37
CA ILE A 55 21.82 1.15 -5.44
C ILE A 55 22.40 -0.23 -5.20
N THR A 56 22.84 -0.49 -3.97
CA THR A 56 23.38 -1.77 -3.56
C THR A 56 22.44 -2.41 -2.55
N PHE A 57 22.09 -3.67 -2.77
CA PHE A 57 21.32 -4.44 -1.80
C PHE A 57 22.23 -5.01 -0.72
N TYR A 58 21.78 -4.91 0.54
CA TYR A 58 22.46 -5.58 1.66
C TYR A 58 21.50 -6.55 2.31
N PRO A 59 21.80 -7.85 2.33
CA PRO A 59 20.84 -8.84 2.83
C PRO A 59 20.73 -8.84 4.35
N LEU A 60 19.49 -9.04 4.81
CA LEU A 60 19.20 -9.25 6.22
C LEU A 60 18.75 -10.70 6.39
N ASN A 61 19.26 -11.35 7.43
CA ASN A 61 18.74 -12.64 7.86
C ASN A 61 17.59 -12.40 8.82
N VAL A 62 16.40 -12.81 8.41
CA VAL A 62 15.22 -12.58 9.24
C VAL A 62 15.25 -13.58 10.39
N PRO A 63 15.47 -13.15 11.62
CA PRO A 63 15.74 -14.10 12.71
C PRO A 63 14.54 -14.96 13.03
N HIS A 64 14.74 -15.93 13.91
CA HIS A 64 13.64 -16.79 14.34
C HIS A 64 12.91 -16.15 15.51
N VAL A 65 11.59 -16.10 15.41
CA VAL A 65 10.69 -15.86 16.54
C VAL A 65 9.73 -17.03 16.57
N ASP A 66 9.50 -17.58 17.76
CA ASP A 66 8.64 -18.76 17.87
C ASP A 66 7.27 -18.46 17.25
N GLY A 67 6.85 -19.34 16.35
CA GLY A 67 5.62 -19.18 15.62
C GLY A 67 5.80 -18.74 14.19
N LEU A 68 6.93 -18.11 13.88
CA LEU A 68 7.20 -17.69 12.51
C LEU A 68 7.47 -18.91 11.65
N PRO A 69 6.75 -19.11 10.56
CA PRO A 69 7.05 -20.23 9.67
C PRO A 69 8.46 -20.15 9.12
N PHE A 70 9.02 -21.32 8.80
CA PHE A 70 10.43 -21.42 8.47
C PHE A 70 10.72 -20.77 7.12
N GLY A 71 11.75 -19.93 7.08
CA GLY A 71 12.16 -19.27 5.87
C GLY A 71 11.39 -18.00 5.55
N ALA A 72 10.32 -17.72 6.28
CA ALA A 72 9.46 -16.58 5.97
C ALA A 72 10.23 -15.27 6.11
N GLU A 73 10.07 -14.40 5.13
CA GLU A 73 10.74 -13.11 5.13
C GLU A 73 9.82 -11.91 5.00
N THR A 74 8.62 -12.08 4.45
CA THR A 74 7.76 -11.00 3.99
C THR A 74 6.32 -11.33 4.37
N THR A 75 5.46 -10.31 4.49
CA THR A 75 4.05 -10.58 4.71
C THR A 75 3.42 -11.39 3.58
N SER A 76 4.03 -11.45 2.40
CA SER A 76 3.56 -12.35 1.35
C SER A 76 3.79 -13.82 1.70
N ASP A 77 4.60 -14.11 2.71
CA ASP A 77 4.92 -15.49 3.10
C ASP A 77 4.12 -15.99 4.28
N VAL A 78 3.42 -15.11 5.00
CA VAL A 78 2.70 -15.48 6.20
C VAL A 78 1.26 -15.00 6.11
N ALA A 79 0.40 -15.65 6.87
CA ALA A 79 -0.97 -15.17 7.05
C ALA A 79 -0.97 -13.88 7.85
N ILE A 80 -2.05 -13.12 7.72
CA ILE A 80 -2.09 -11.79 8.32
C ILE A 80 -1.99 -11.87 9.84
N SER A 81 -2.49 -12.95 10.44
CA SER A 81 -2.42 -13.09 11.89
C SER A 81 -0.99 -13.26 12.40
N LEU A 82 -0.04 -13.60 11.53
CA LEU A 82 1.35 -13.75 11.93
C LEU A 82 2.17 -12.49 11.72
N GLY A 83 1.56 -11.40 11.28
CA GLY A 83 2.26 -10.14 11.14
C GLY A 83 2.99 -9.65 12.39
N PRO A 84 2.36 -9.70 13.56
CA PRO A 84 3.06 -9.24 14.78
C PRO A 84 4.33 -10.01 15.08
N ILE A 85 4.38 -11.30 14.77
CA ILE A 85 5.59 -12.06 15.00
C ILE A 85 6.68 -11.64 14.01
N LEU A 86 6.29 -11.39 12.75
CA LEU A 86 7.25 -10.86 11.78
C LEU A 86 7.77 -9.50 12.23
N MET A 87 6.94 -8.69 12.88
CA MET A 87 7.44 -7.45 13.49
C MET A 87 8.48 -7.74 14.56
N THR A 88 8.24 -8.73 15.43
CA THR A 88 9.25 -9.06 16.43
C THR A 88 10.56 -9.44 15.75
N ALA A 89 10.50 -10.19 14.65
CA ALA A 89 11.71 -10.56 13.92
C ALA A 89 12.42 -9.35 13.31
N MET A 90 11.68 -8.35 12.84
CA MET A 90 12.34 -7.15 12.33
C MET A 90 12.97 -6.36 13.49
N ASP A 91 12.30 -6.32 14.63
CA ASP A 91 12.90 -5.72 15.82
C ASP A 91 14.23 -6.41 16.16
N GLN A 92 14.34 -7.70 15.86
CA GLN A 92 15.51 -8.47 16.24
C GLN A 92 16.68 -8.30 15.29
N THR A 93 16.46 -7.68 14.12
CA THR A 93 17.61 -7.37 13.26
C THR A 93 18.46 -6.24 13.82
N GLN A 94 18.18 -5.76 15.03
CA GLN A 94 18.82 -4.54 15.51
C GLN A 94 20.33 -4.65 15.52
N ASN A 95 20.85 -5.77 16.02
CA ASN A 95 22.30 -5.86 16.10
C ASN A 95 22.94 -5.93 14.71
N GLN A 96 22.27 -6.56 13.75
CA GLN A 96 22.88 -6.58 12.43
C GLN A 96 22.54 -5.34 11.59
N ILE A 97 21.54 -4.55 11.97
CA ILE A 97 21.39 -3.21 11.41
C ILE A 97 22.47 -2.29 11.95
N GLU A 98 22.67 -2.31 13.28
CA GLU A 98 23.64 -1.45 13.94
C GLU A 98 25.04 -1.66 13.38
N LEU A 99 25.34 -2.87 12.93
CA LEU A 99 26.65 -3.13 12.35
C LEU A 99 26.69 -2.71 10.88
N LEU A 100 25.55 -2.76 10.20
CA LEU A 100 25.51 -2.29 8.82
C LEU A 100 25.68 -0.78 8.77
N LEU A 101 25.05 -0.08 9.73
CA LEU A 101 25.18 1.38 9.77
C LEU A 101 26.59 1.78 10.14
N THR A 102 27.21 1.07 11.08
CA THR A 102 28.54 1.45 11.53
C THR A 102 29.55 1.37 10.40
N GLN A 103 29.41 0.41 9.48
CA GLN A 103 30.40 0.31 8.42
C GLN A 103 30.00 1.06 7.14
N LEU A 104 28.71 1.21 6.85
CA LEU A 104 28.32 1.92 5.64
C LEU A 104 28.28 3.44 5.87
N LYS A 105 28.01 3.85 7.10
CA LYS A 105 27.91 5.27 7.46
C LYS A 105 27.06 6.13 6.53
N PRO A 106 25.78 5.81 6.34
CA PRO A 106 24.91 6.69 5.56
C PRO A 106 24.68 8.00 6.30
N GLN A 107 24.26 9.02 5.55
CA GLN A 107 23.88 10.28 6.17
C GLN A 107 22.47 10.21 6.76
N ILE A 108 21.58 9.45 6.13
CA ILE A 108 20.16 9.36 6.49
C ILE A 108 19.76 7.90 6.38
N ILE A 109 18.80 7.47 7.20
CA ILE A 109 18.21 6.14 6.99
C ILE A 109 16.70 6.29 6.99
N PHE A 110 16.07 5.88 5.87
CA PHE A 110 14.62 5.78 5.74
C PHE A 110 14.16 4.48 6.39
N PHE A 111 13.10 4.53 7.19
CA PHE A 111 12.71 3.30 7.87
C PHE A 111 11.20 3.26 8.12
N ASP A 112 10.74 2.05 8.43
CA ASP A 112 9.41 1.73 8.95
C ASP A 112 9.51 1.16 10.35
N PHE A 113 8.56 1.51 11.24
CA PHE A 113 8.21 0.68 12.41
C PHE A 113 9.21 0.57 13.55
N VAL A 114 10.52 0.64 13.28
CA VAL A 114 11.54 0.27 14.30
C VAL A 114 11.86 1.53 15.10
N PHE A 115 11.07 1.80 16.15
CA PHE A 115 11.19 3.05 16.90
C PHE A 115 12.46 3.07 17.77
N TRP A 116 13.15 1.95 17.88
CA TRP A 116 14.43 1.96 18.55
C TRP A 116 15.51 2.61 17.71
N LEU A 117 15.32 2.72 16.41
CA LEU A 117 16.40 3.10 15.49
C LEU A 117 16.89 4.53 15.73
N PRO A 118 16.02 5.53 15.94
CA PRO A 118 16.54 6.89 16.14
C PRO A 118 17.51 7.03 17.32
N LYS A 119 17.52 6.09 18.28
CA LYS A 119 18.52 6.14 19.34
C LYS A 119 19.87 5.62 18.83
N ILE A 120 19.91 4.56 18.02
CA ILE A 120 21.15 4.16 17.37
C ILE A 120 21.68 5.29 16.48
N THR A 121 20.81 5.87 15.64
CA THR A 121 21.32 6.80 14.64
C THR A 121 21.82 8.10 15.27
N GLN A 122 21.12 8.62 16.28
CA GLN A 122 21.59 9.85 16.93
C GLN A 122 22.99 9.66 17.50
N ARG A 123 23.28 8.45 17.96
CA ARG A 123 24.60 8.13 18.49
C ARG A 123 25.66 8.07 17.38
N LEU A 124 25.27 7.63 16.18
CA LEU A 124 26.19 7.51 15.05
C LEU A 124 26.27 8.76 14.20
N GLY A 125 25.54 9.81 14.55
CA GLY A 125 25.52 11.00 13.72
C GLY A 125 24.71 10.84 12.45
N ILE A 126 23.80 9.86 12.41
CA ILE A 126 22.93 9.59 11.27
C ILE A 126 21.55 10.16 11.58
N LYS A 127 20.90 10.74 10.57
CA LYS A 127 19.55 11.27 10.72
C LYS A 127 18.55 10.17 10.42
N SER A 128 17.52 10.07 11.27
CA SER A 128 16.45 9.09 11.10
C SER A 128 15.27 9.72 10.37
N PHE A 129 14.74 9.00 9.37
CA PHE A 129 13.68 9.54 8.54
C PHE A 129 12.59 8.47 8.44
N LEU A 130 11.48 8.70 9.11
CA LEU A 130 10.37 7.75 9.08
C LEU A 130 9.60 7.96 7.78
N TYR A 131 9.66 7.01 6.86
CA TYR A 131 9.14 7.22 5.51
C TYR A 131 7.97 6.26 5.28
N PHE A 132 6.78 6.85 5.20
CA PHE A 132 5.52 6.13 5.05
C PHE A 132 5.13 6.04 3.58
N ILE A 133 4.75 4.84 3.14
CA ILE A 133 4.13 4.73 1.83
C ILE A 133 2.62 4.55 1.93
N ILE A 134 2.06 4.59 3.15
CA ILE A 134 0.62 4.64 3.33
C ILE A 134 0.15 6.09 3.34
N ASN A 135 -1.17 6.30 3.43
CA ASN A 135 -1.73 7.64 3.33
C ASN A 135 -1.48 8.45 4.61
N PRO A 136 -0.98 9.68 4.52
CA PRO A 136 -0.93 10.53 5.73
C PRO A 136 -2.29 10.83 6.30
N ALA A 137 -3.36 10.66 5.51
CA ALA A 137 -4.68 10.81 6.09
C ALA A 137 -4.98 9.71 7.12
N THR A 138 -4.35 8.56 6.96
CA THR A 138 -4.55 7.44 7.87
C THR A 138 -3.81 7.68 9.17
N ILE A 139 -2.51 7.97 9.09
CA ILE A 139 -1.75 8.27 10.29
C ILE A 139 -2.34 9.46 11.03
N SER A 140 -2.76 10.49 10.30
CA SER A 140 -3.44 11.65 10.91
C SER A 140 -4.67 11.24 11.68
N TYR A 141 -5.42 10.26 11.17
CA TYR A 141 -6.70 9.94 11.76
C TYR A 141 -6.56 9.09 13.02
N THR A 142 -5.55 8.22 13.09
CA THR A 142 -5.47 7.21 14.13
C THR A 142 -4.35 7.44 15.14
N THR A 143 -3.33 8.22 14.79
CA THR A 143 -2.07 8.20 15.50
C THR A 143 -1.58 9.61 15.82
N SER A 144 -2.41 10.63 15.61
CA SER A 144 -2.05 11.98 16.00
C SER A 144 -2.14 12.07 17.52
N PRO A 145 -1.49 13.08 18.13
CA PRO A 145 -1.41 13.10 19.60
C PRO A 145 -2.78 13.09 20.26
N PRO A 146 -3.78 13.85 19.76
CA PRO A 146 -5.08 13.80 20.44
C PRO A 146 -5.63 12.40 20.58
N ARG A 147 -5.36 11.52 19.61
CA ARG A 147 -5.80 10.14 19.72
C ARG A 147 -5.03 9.41 20.80
N MET A 148 -3.72 9.66 20.89
CA MET A 148 -2.87 8.86 21.75
C MET A 148 -3.07 9.21 23.22
N PHE A 149 -3.43 10.46 23.52
CA PHE A 149 -3.56 10.90 24.91
C PHE A 149 -4.83 10.37 25.56
N GLU A 150 -5.85 10.00 24.76
CA GLU A 150 -6.97 9.29 25.35
C GLU A 150 -6.63 7.86 25.75
N ALA A 151 -5.47 7.35 25.32
CA ALA A 151 -4.90 6.07 25.81
C ALA A 151 -5.95 4.96 25.62
N GLU A 152 -6.23 4.15 26.64
CA GLU A 152 -7.19 3.06 26.50
C GLU A 152 -8.63 3.51 26.74
N ASN A 153 -8.87 4.81 26.89
CA ASN A 153 -10.22 5.36 26.92
C ASN A 153 -10.80 5.60 25.54
N LEU A 154 -10.02 5.35 24.48
CA LEU A 154 -10.46 5.56 23.10
C LEU A 154 -11.40 4.43 22.69
N THR A 155 -12.60 4.80 22.24
CA THR A 155 -13.66 3.84 21.94
C THR A 155 -14.04 3.91 20.46
N GLU A 156 -14.90 2.96 20.08
CA GLU A 156 -15.46 2.92 18.72
C GLU A 156 -16.19 4.21 18.36
N VAL A 157 -16.96 4.77 19.29
CA VAL A 157 -17.64 6.01 18.95
C VAL A 157 -16.63 7.15 18.83
N ASP A 158 -15.53 7.09 19.60
CA ASP A 158 -14.45 8.06 19.44
C ASP A 158 -13.88 8.03 18.02
N LEU A 159 -13.65 6.84 17.50
CA LEU A 159 -13.04 6.69 16.19
C LEU A 159 -14.02 6.94 15.05
N MET A 160 -15.28 7.18 15.37
CA MET A 160 -16.28 7.51 14.37
C MET A 160 -16.15 8.96 13.91
N LYS A 161 -15.43 9.80 14.65
CA LYS A 161 -15.18 11.17 14.23
C LYS A 161 -13.69 11.45 14.16
N PRO A 162 -13.28 12.45 13.39
CA PRO A 162 -11.84 12.72 13.26
C PRO A 162 -11.27 13.33 14.53
N PRO A 163 -9.96 13.24 14.72
CA PRO A 163 -9.34 13.93 15.86
C PRO A 163 -9.38 15.44 15.68
N LYS A 164 -9.21 16.15 16.80
CA LYS A 164 -9.31 17.60 16.78
C LYS A 164 -8.32 18.20 15.80
N GLY A 165 -8.81 19.10 14.95
CA GLY A 165 -7.96 19.77 13.98
C GLY A 165 -7.83 19.06 12.65
N TYR A 166 -8.32 17.83 12.54
CA TYR A 166 -8.25 17.06 11.30
C TYR A 166 -8.81 17.88 10.14
N PRO A 167 -8.10 17.95 9.00
CA PRO A 167 -8.41 18.95 7.98
C PRO A 167 -9.56 18.61 7.06
N THR A 168 -10.14 17.42 7.19
CA THR A 168 -11.04 16.89 6.17
C THR A 168 -12.17 16.11 6.84
N SER A 169 -13.27 15.88 6.11
CA SER A 169 -14.44 15.17 6.63
C SER A 169 -14.73 13.94 5.78
N PHE A 170 -14.89 12.79 6.43
CA PHE A 170 -15.43 11.60 5.76
C PHE A 170 -16.02 10.70 6.83
N ASN A 171 -16.83 9.73 6.40
CA ASN A 171 -17.62 8.91 7.31
C ASN A 171 -17.11 7.48 7.34
N LEU A 172 -16.96 6.92 8.53
CA LEU A 172 -16.68 5.51 8.67
C LEU A 172 -17.96 4.78 9.03
N GLN A 173 -18.03 3.52 8.64
CA GLN A 173 -19.12 2.67 9.08
C GLN A 173 -18.81 2.11 10.46
N SER A 174 -19.87 1.67 11.15
CA SER A 174 -19.73 1.15 12.51
C SER A 174 -18.66 0.06 12.60
N HIS A 175 -18.71 -0.93 11.70
CA HIS A 175 -17.76 -2.02 11.82
C HIS A 175 -16.33 -1.56 11.56
N GLU A 176 -16.14 -0.51 10.77
CA GLU A 176 -14.79 0.01 10.57
C GLU A 176 -14.25 0.70 11.80
N ALA A 177 -15.07 1.52 12.46
CA ALA A 177 -14.59 2.15 13.69
C ALA A 177 -14.36 1.11 14.77
N LYS A 178 -15.16 0.04 14.78
CA LYS A 178 -14.94 -1.07 15.71
C LYS A 178 -13.61 -1.74 15.45
N HIS A 179 -13.28 -1.95 14.18
CA HIS A 179 -12.00 -2.55 13.82
C HIS A 179 -10.83 -1.69 14.30
N LEU A 180 -10.90 -0.39 14.00
CA LEU A 180 -9.83 0.52 14.41
C LEU A 180 -9.71 0.61 15.92
N ALA A 181 -10.82 0.58 16.66
CA ALA A 181 -10.72 0.71 18.11
C ALA A 181 -10.08 -0.52 18.74
N SER A 182 -10.32 -1.71 18.19
CA SER A 182 -9.78 -2.93 18.80
C SER A 182 -8.35 -3.21 18.35
N THR A 183 -8.08 -3.12 17.05
CA THR A 183 -6.78 -3.55 16.54
C THR A 183 -5.65 -2.64 16.99
N ARG A 184 -5.95 -1.37 17.19
CA ARG A 184 -5.10 -0.36 17.78
C ARG A 184 -4.34 -0.83 19.01
N LYS A 185 -5.00 -1.63 19.85
CA LYS A 185 -4.41 -2.08 21.11
C LYS A 185 -3.70 -3.42 21.00
N ILE A 186 -3.81 -4.10 19.87
CA ILE A 186 -3.24 -5.44 19.72
C ILE A 186 -1.74 -5.32 19.53
N GLU A 187 -0.99 -6.21 20.18
CA GLU A 187 0.47 -6.20 20.10
C GLU A 187 0.94 -6.43 18.67
N PHE A 188 1.90 -5.63 18.23
CA PHE A 188 2.49 -5.78 16.90
C PHE A 188 4.00 -5.73 17.08
N GLY A 189 4.58 -6.88 17.43
CA GLY A 189 5.99 -6.99 17.64
C GLY A 189 6.47 -6.65 19.04
N SER A 190 7.11 -7.62 19.70
CA SER A 190 7.84 -7.39 20.93
C SER A 190 6.96 -6.77 22.02
N GLY A 191 5.68 -7.11 22.02
CA GLY A 191 4.79 -6.66 23.06
C GLY A 191 4.38 -5.20 23.03
N ILE A 192 4.58 -4.51 21.91
CA ILE A 192 4.20 -3.10 21.80
C ILE A 192 2.86 -3.02 21.08
N PRO A 193 1.86 -2.35 21.65
CA PRO A 193 0.58 -2.17 20.94
C PRO A 193 0.80 -1.42 19.64
N PHE A 194 -0.02 -1.77 18.63
CA PHE A 194 0.22 -1.27 17.27
C PHE A 194 0.34 0.25 17.23
N SER A 195 -0.66 0.98 17.75
CA SER A 195 -0.61 2.43 17.58
C SER A 195 0.50 3.06 18.43
N VAL A 196 0.81 2.43 19.58
CA VAL A 196 1.93 2.90 20.39
C VAL A 196 3.22 2.89 19.59
N ARG A 197 3.48 1.77 18.90
CA ARG A 197 4.66 1.63 18.04
C ARG A 197 4.75 2.75 17.02
N SER A 198 3.69 2.93 16.21
CA SER A 198 3.74 3.97 15.19
C SER A 198 3.92 5.34 15.83
N TYR A 199 3.29 5.55 16.98
CA TYR A 199 3.40 6.82 17.67
C TYR A 199 4.83 7.03 18.18
N ASN A 200 5.45 5.96 18.69
CA ASN A 200 6.84 6.05 19.12
C ASN A 200 7.75 6.41 17.94
N CYS A 201 7.49 5.86 16.75
CA CYS A 201 8.29 6.22 15.58
C CYS A 201 8.11 7.69 15.23
N LEU A 202 6.87 8.18 15.26
CA LEU A 202 6.60 9.58 14.90
C LEU A 202 7.25 10.52 15.90
N SER A 203 7.24 10.14 17.19
CA SER A 203 7.72 11.05 18.22
C SER A 203 9.24 11.12 18.29
N LEU A 204 9.92 10.02 18.00
CA LEU A 204 11.37 9.92 18.20
C LEU A 204 12.19 10.17 16.94
N THR A 205 11.60 10.01 15.76
CA THR A 205 12.38 10.23 14.54
C THR A 205 12.79 11.70 14.42
N ASP A 206 13.87 11.93 13.67
CA ASP A 206 14.27 13.31 13.37
C ASP A 206 13.27 13.99 12.44
N ALA A 207 12.82 13.29 11.41
CA ALA A 207 11.87 13.87 10.48
C ALA A 207 11.00 12.76 9.92
N ILE A 208 9.91 13.15 9.26
CA ILE A 208 8.91 12.24 8.70
C ILE A 208 8.74 12.55 7.21
N GLY A 209 8.45 11.51 6.42
CA GLY A 209 8.09 11.71 5.03
C GLY A 209 6.97 10.76 4.63
N PHE A 210 6.21 11.19 3.62
CA PHE A 210 5.15 10.38 3.03
C PHE A 210 5.26 10.38 1.52
N LYS A 211 4.90 9.25 0.91
CA LYS A 211 4.48 9.23 -0.49
C LYS A 211 3.34 10.21 -0.70
N GLY A 212 3.39 10.97 -1.79
CA GLY A 212 2.27 11.87 -2.10
C GLY A 212 2.69 13.22 -2.63
N CYS A 213 1.71 14.07 -2.96
CA CYS A 213 1.96 15.42 -3.45
C CYS A 213 1.07 16.41 -2.71
N ARG A 214 1.43 17.69 -2.81
CA ARG A 214 0.70 18.72 -2.09
C ARG A 214 -0.77 18.73 -2.48
N GLU A 215 -1.05 18.49 -3.75
CA GLU A 215 -2.38 18.62 -4.30
C GLU A 215 -3.37 17.65 -3.66
N ILE A 216 -2.89 16.51 -3.19
CA ILE A 216 -3.75 15.49 -2.60
C ILE A 216 -3.43 15.27 -1.12
N GLU A 217 -2.16 15.01 -0.79
CA GLU A 217 -1.78 14.71 0.59
C GLU A 217 -1.47 15.95 1.43
N GLY A 218 -1.36 17.12 0.80
CA GLY A 218 -0.96 18.34 1.47
C GLY A 218 -1.62 18.64 2.80
N PRO A 219 -2.95 18.68 2.86
CA PRO A 219 -3.59 19.03 4.15
C PRO A 219 -3.23 18.10 5.29
N TYR A 220 -2.99 16.82 5.02
CA TYR A 220 -2.66 15.88 6.08
C TYR A 220 -1.22 16.04 6.55
N VAL A 221 -0.31 16.31 5.61
CA VAL A 221 1.07 16.55 5.98
C VAL A 221 1.21 17.86 6.77
N ASP A 222 0.43 18.88 6.41
CA ASP A 222 0.46 20.12 7.20
C ASP A 222 -0.06 19.88 8.61
N TYR A 223 -1.16 19.14 8.73
CA TYR A 223 -1.70 18.77 10.04
C TYR A 223 -0.66 18.04 10.86
N LEU A 224 0.02 17.05 10.26
CA LEU A 224 0.99 16.27 11.00
C LEU A 224 2.22 17.11 11.37
N GLN A 225 2.63 18.01 10.50
CA GLN A 225 3.77 18.89 10.84
C GLN A 225 3.43 19.78 12.01
N GLU A 226 2.21 20.33 12.01
CA GLU A 226 1.77 21.17 13.11
C GLU A 226 1.67 20.38 14.41
N GLN A 227 1.21 19.12 14.33
CA GLN A 227 1.02 18.34 15.55
C GLN A 227 2.36 17.89 16.15
N PHE A 228 3.26 17.38 15.32
CA PHE A 228 4.48 16.78 15.83
C PHE A 228 5.68 17.72 15.80
N GLY A 229 5.54 18.92 15.22
CA GLY A 229 6.52 19.98 15.32
C GLY A 229 7.83 19.76 14.59
N LYS A 230 7.93 18.77 13.72
CA LYS A 230 9.13 18.44 12.98
C LYS A 230 8.77 18.35 11.50
N PRO A 231 9.78 18.36 10.61
CA PRO A 231 9.46 18.31 9.17
C PRO A 231 8.69 17.06 8.78
N VAL A 232 7.65 17.26 7.99
CA VAL A 232 6.93 16.17 7.37
C VAL A 232 7.00 16.42 5.87
N LEU A 233 7.79 15.61 5.18
CA LEU A 233 8.13 15.83 3.79
C LEU A 233 7.21 15.00 2.89
N LEU A 234 7.14 15.41 1.62
CA LEU A 234 6.46 14.66 0.56
C LEU A 234 7.48 14.25 -0.49
N SER A 235 7.56 12.94 -0.77
CA SER A 235 8.47 12.43 -1.79
C SER A 235 7.99 12.66 -3.22
N GLY A 236 6.76 13.13 -3.41
CA GLY A 236 6.11 12.96 -4.71
C GLY A 236 5.34 11.66 -4.70
N PRO A 237 4.53 11.41 -5.72
CA PRO A 237 3.58 10.30 -5.70
C PRO A 237 4.17 8.92 -5.99
N VAL A 238 5.50 8.81 -6.10
CA VAL A 238 6.22 7.56 -6.37
C VAL A 238 5.60 6.83 -7.56
N LEU A 239 5.64 7.49 -8.71
CA LEU A 239 5.15 6.90 -9.94
C LEU A 239 5.92 5.60 -10.22
N PRO A 240 5.25 4.52 -10.57
CA PRO A 240 5.98 3.26 -10.80
C PRO A 240 6.98 3.43 -11.92
N GLU A 241 8.16 2.88 -11.70
CA GLU A 241 9.25 2.81 -12.65
C GLU A 241 9.11 1.54 -13.49
N GLN A 242 9.74 1.51 -14.66
CA GLN A 242 9.57 0.38 -15.55
C GLN A 242 10.49 -0.76 -15.13
N SER A 243 9.95 -1.98 -15.08
CA SER A 243 10.76 -3.12 -14.70
C SER A 243 11.65 -3.57 -15.86
N LYS A 244 12.69 -4.32 -15.52
CA LYS A 244 13.56 -4.89 -16.55
C LYS A 244 12.96 -6.15 -17.17
N THR A 245 11.84 -6.64 -16.65
CA THR A 245 11.20 -7.88 -17.11
C THR A 245 9.94 -7.53 -17.90
N ALA A 246 9.82 -8.06 -19.11
CA ALA A 246 8.63 -7.85 -19.93
C ALA A 246 7.44 -8.64 -19.37
N LEU A 247 6.24 -8.27 -19.84
CA LEU A 247 5.02 -8.97 -19.42
C LEU A 247 5.07 -10.43 -19.85
N ASP A 248 4.83 -11.33 -18.90
CA ASP A 248 4.79 -12.76 -19.17
C ASP A 248 3.93 -13.06 -20.37
N GLU A 249 4.50 -13.82 -21.32
CA GLU A 249 3.87 -14.05 -22.60
C GLU A 249 2.51 -14.73 -22.46
N LYS A 250 2.34 -15.59 -21.45
CA LYS A 250 1.05 -16.26 -21.30
C LYS A 250 -0.04 -15.28 -20.92
N TRP A 251 0.29 -14.28 -20.09
CA TRP A 251 -0.72 -13.26 -19.79
C TRP A 251 -0.90 -12.31 -20.95
N GLY A 252 0.20 -11.87 -21.57
CA GLY A 252 0.08 -10.98 -22.72
C GLY A 252 -0.74 -11.59 -23.84
N SER A 253 -0.55 -12.89 -24.08
CA SER A 253 -1.30 -13.57 -25.13
C SER A 253 -2.78 -13.66 -24.78
N TRP A 254 -3.09 -14.05 -23.54
CA TRP A 254 -4.49 -14.19 -23.11
C TRP A 254 -5.18 -12.83 -23.09
N LEU A 255 -4.53 -11.83 -22.50
CA LEU A 255 -5.12 -10.50 -22.45
C LEU A 255 -5.32 -9.93 -23.85
N GLY A 256 -4.44 -10.28 -24.79
CA GLY A 256 -4.55 -9.73 -26.14
C GLY A 256 -5.76 -10.20 -26.92
N GLY A 257 -6.41 -11.27 -26.47
CA GLY A 257 -7.59 -11.76 -27.15
C GLY A 257 -8.90 -11.07 -26.81
N PHE A 258 -8.90 -10.07 -25.93
CA PHE A 258 -10.11 -9.35 -25.59
C PHE A 258 -10.13 -7.97 -26.22
N LYS A 259 -11.34 -7.48 -26.48
CA LYS A 259 -11.55 -6.13 -26.97
C LYS A 259 -10.98 -5.10 -25.98
N ASP A 260 -10.51 -3.99 -26.54
CA ASP A 260 -9.97 -2.91 -25.72
C ASP A 260 -10.98 -2.46 -24.67
N GLY A 261 -10.52 -2.39 -23.43
CA GLY A 261 -11.32 -1.85 -22.34
C GLY A 261 -12.45 -2.75 -21.89
N SER A 262 -12.42 -4.03 -22.25
CA SER A 262 -13.54 -4.90 -21.95
C SER A 262 -13.34 -5.76 -20.71
N LEU A 263 -12.12 -5.87 -20.19
CA LEU A 263 -11.81 -6.83 -19.15
C LEU A 263 -11.78 -6.19 -17.77
N VAL A 264 -12.31 -6.92 -16.78
CA VAL A 264 -12.30 -6.47 -15.38
C VAL A 264 -11.15 -7.15 -14.68
N TYR A 265 -10.19 -6.37 -14.17
CA TYR A 265 -9.08 -6.91 -13.39
C TYR A 265 -9.39 -6.73 -11.92
N CYS A 266 -9.29 -7.81 -11.14
CA CYS A 266 -9.57 -7.74 -9.70
C CYS A 266 -8.38 -8.30 -8.92
N ALA A 267 -7.87 -7.53 -7.96
CA ALA A 267 -6.78 -8.04 -7.14
C ALA A 267 -6.82 -7.36 -5.78
N LEU A 268 -6.52 -8.15 -4.73
CA LEU A 268 -6.56 -7.68 -3.36
C LEU A 268 -5.17 -7.73 -2.72
N GLY A 269 -4.13 -7.43 -3.48
CA GLY A 269 -2.82 -7.38 -2.87
C GLY A 269 -2.26 -8.77 -2.60
N SER A 270 -1.19 -8.80 -1.81
CA SER A 270 -0.47 -10.04 -1.58
C SER A 270 -0.49 -10.49 -0.12
N GLU A 271 -1.27 -9.86 0.74
CA GLU A 271 -1.25 -10.14 2.17
C GLU A 271 -2.54 -10.74 2.71
N LEU A 272 -3.60 -10.83 1.90
CA LEU A 272 -4.93 -11.12 2.42
C LEU A 272 -5.52 -12.36 1.78
N LYS A 273 -6.34 -13.04 2.58
CA LYS A 273 -7.18 -14.15 2.14
C LYS A 273 -8.61 -13.81 2.51
N LEU A 274 -9.52 -13.86 1.55
CA LEU A 274 -10.93 -13.69 1.86
C LEU A 274 -11.50 -14.91 2.60
N LYS A 275 -12.56 -14.68 3.37
CA LYS A 275 -13.41 -15.76 3.82
C LYS A 275 -14.18 -16.35 2.64
N GLN A 276 -14.58 -17.62 2.77
CA GLN A 276 -15.15 -18.30 1.62
C GLN A 276 -16.41 -17.62 1.11
N ASP A 277 -17.27 -17.16 2.02
CA ASP A 277 -18.54 -16.63 1.54
C ASP A 277 -18.32 -15.38 0.71
N GLN A 278 -17.36 -14.53 1.12
CA GLN A 278 -17.09 -13.29 0.39
C GLN A 278 -16.26 -13.56 -0.87
N PHE A 279 -15.41 -14.59 -0.84
CA PHE A 279 -14.78 -15.10 -2.05
C PHE A 279 -15.84 -15.52 -3.08
N HIS A 280 -16.83 -16.31 -2.65
CA HIS A 280 -17.93 -16.64 -3.55
C HIS A 280 -18.67 -15.41 -4.01
N GLU A 281 -19.02 -14.50 -3.09
CA GLU A 281 -19.85 -13.37 -3.53
C GLU A 281 -19.09 -12.53 -4.55
N LEU A 282 -17.79 -12.31 -4.32
CA LEU A 282 -17.00 -11.53 -5.27
C LEU A 282 -16.98 -12.19 -6.65
N LEU A 283 -16.68 -13.48 -6.70
CA LEU A 283 -16.54 -14.15 -8.00
C LEU A 283 -17.87 -14.25 -8.72
N LEU A 284 -18.96 -14.53 -8.00
CA LEU A 284 -20.27 -14.56 -8.64
C LEU A 284 -20.70 -13.18 -9.13
N GLY A 285 -20.29 -12.13 -8.42
CA GLY A 285 -20.60 -10.79 -8.88
C GLY A 285 -19.85 -10.43 -10.15
N LEU A 286 -18.58 -10.85 -10.24
CA LEU A 286 -17.85 -10.65 -11.49
C LEU A 286 -18.55 -11.41 -12.62
N GLU A 287 -18.96 -12.64 -12.35
CA GLU A 287 -19.66 -13.44 -13.37
C GLU A 287 -20.93 -12.76 -13.84
N LEU A 288 -21.69 -12.18 -12.90
CA LEU A 288 -22.96 -11.55 -13.25
C LEU A 288 -22.79 -10.41 -14.26
N THR A 289 -21.64 -9.74 -14.27
CA THR A 289 -21.44 -8.63 -15.18
C THR A 289 -21.42 -9.05 -16.64
N GLY A 290 -21.09 -10.30 -16.92
CA GLY A 290 -20.90 -10.72 -18.30
C GLY A 290 -19.60 -10.26 -18.92
N PHE A 291 -18.76 -9.50 -18.16
CA PHE A 291 -17.51 -9.10 -18.78
C PHE A 291 -16.45 -10.15 -18.57
N PRO A 292 -15.48 -10.26 -19.47
CA PRO A 292 -14.30 -11.08 -19.16
C PRO A 292 -13.62 -10.50 -17.93
N PHE A 293 -12.96 -11.37 -17.17
CA PHE A 293 -12.31 -10.91 -15.94
C PHE A 293 -11.08 -11.72 -15.61
N LEU A 294 -10.15 -11.07 -14.92
CA LEU A 294 -9.01 -11.73 -14.32
C LEU A 294 -8.99 -11.39 -12.85
N ALA A 295 -9.13 -12.40 -11.99
CA ALA A 295 -9.19 -12.24 -10.54
C ALA A 295 -7.94 -12.87 -9.92
N ILE A 296 -7.10 -12.06 -9.30
CA ILE A 296 -5.87 -12.51 -8.66
C ILE A 296 -6.16 -12.59 -7.17
N LEU A 297 -6.41 -13.79 -6.66
CA LEU A 297 -6.89 -13.98 -5.29
C LEU A 297 -6.20 -15.19 -4.67
N LYS A 298 -5.91 -15.10 -3.40
CA LYS A 298 -5.47 -16.29 -2.68
C LYS A 298 -6.70 -17.16 -2.40
N PRO A 299 -6.54 -18.48 -2.30
CA PRO A 299 -7.66 -19.31 -1.87
C PRO A 299 -8.20 -18.82 -0.54
N PRO A 300 -9.50 -18.97 -0.30
CA PRO A 300 -10.10 -18.42 0.92
C PRO A 300 -9.61 -19.15 2.15
N VAL A 301 -9.88 -18.52 3.30
CA VAL A 301 -9.55 -19.11 4.60
C VAL A 301 -10.04 -20.56 4.65
N GLY A 302 -9.16 -21.46 5.06
CA GLY A 302 -9.47 -22.86 5.19
C GLY A 302 -9.26 -23.67 3.93
N PHE A 303 -8.95 -23.03 2.81
CA PHE A 303 -8.77 -23.70 1.54
C PHE A 303 -7.34 -23.51 1.05
N GLU A 304 -6.85 -24.46 0.25
CA GLU A 304 -5.49 -24.41 -0.27
C GLU A 304 -5.39 -24.26 -1.78
N THR A 305 -6.44 -24.56 -2.52
CA THR A 305 -6.46 -24.37 -3.96
C THR A 305 -7.66 -23.52 -4.35
N ILE A 306 -7.52 -22.82 -5.48
CA ILE A 306 -8.63 -22.05 -6.02
C ILE A 306 -9.73 -22.99 -6.50
N GLU A 307 -9.34 -24.08 -7.20
CA GLU A 307 -10.24 -25.14 -7.63
C GLU A 307 -11.26 -25.52 -6.58
N ASP A 308 -10.80 -25.89 -5.39
CA ASP A 308 -11.68 -26.43 -4.37
C ASP A 308 -12.66 -25.41 -3.81
N ALA A 309 -12.38 -24.12 -3.98
CA ALA A 309 -13.19 -23.09 -3.35
C ALA A 309 -14.13 -22.38 -4.30
N LEU A 310 -14.02 -22.64 -5.60
CA LEU A 310 -14.89 -21.98 -6.57
C LEU A 310 -16.33 -22.37 -6.31
N PRO A 311 -17.28 -21.47 -6.52
CA PRO A 311 -18.70 -21.85 -6.42
C PRO A 311 -19.03 -22.95 -7.43
N GLU A 312 -20.07 -23.73 -7.12
CA GLU A 312 -20.35 -24.91 -7.93
C GLU A 312 -20.71 -24.54 -9.36
N GLY A 313 -20.08 -25.22 -10.32
CA GLY A 313 -20.29 -24.99 -11.74
C GLY A 313 -19.62 -23.75 -12.28
N PHE A 314 -18.83 -23.05 -11.46
CA PHE A 314 -18.27 -21.77 -11.87
C PHE A 314 -17.37 -21.91 -13.09
N LYS A 315 -16.40 -22.83 -13.04
CA LYS A 315 -15.48 -23.04 -14.15
C LYS A 315 -16.23 -23.33 -15.45
N GLU A 316 -17.20 -24.25 -15.40
CA GLU A 316 -17.93 -24.65 -16.60
C GLU A 316 -18.75 -23.51 -17.19
N ARG A 317 -19.14 -22.54 -16.37
CA ARG A 317 -19.97 -21.43 -16.84
C ARG A 317 -19.11 -20.33 -17.46
N VAL A 318 -18.05 -19.91 -16.77
CA VAL A 318 -17.28 -18.77 -17.27
C VAL A 318 -16.37 -19.17 -18.42
N LYS A 319 -16.02 -20.44 -18.56
CA LYS A 319 -15.35 -20.96 -19.76
C LYS A 319 -14.03 -20.19 -19.93
N GLU A 320 -13.74 -19.65 -21.11
CA GLU A 320 -12.52 -18.89 -21.34
C GLU A 320 -12.68 -17.40 -21.04
N LYS A 321 -13.84 -16.97 -20.55
CA LYS A 321 -14.06 -15.56 -20.28
C LYS A 321 -13.44 -15.10 -18.97
N GLY A 322 -13.13 -16.02 -18.06
CA GLY A 322 -12.65 -15.61 -16.75
C GLY A 322 -11.60 -16.55 -16.18
N ILE A 323 -10.58 -15.97 -15.56
CA ILE A 323 -9.56 -16.74 -14.87
C ILE A 323 -9.47 -16.26 -13.44
N VAL A 324 -9.37 -17.20 -12.51
CA VAL A 324 -9.09 -16.94 -11.11
C VAL A 324 -7.73 -17.58 -10.82
N HIS A 325 -6.78 -16.79 -10.35
CA HIS A 325 -5.36 -17.17 -10.28
C HIS A 325 -4.78 -16.74 -8.94
N SER A 326 -4.03 -17.61 -8.25
CA SER A 326 -3.48 -17.26 -6.95
C SER A 326 -1.98 -16.90 -6.93
N GLY A 327 -1.30 -16.92 -8.05
CA GLY A 327 0.11 -16.62 -8.04
C GLY A 327 0.41 -15.12 -8.16
N TRP A 328 1.63 -14.74 -7.77
CA TRP A 328 2.12 -13.39 -8.00
C TRP A 328 2.17 -13.07 -9.48
N ILE A 329 1.53 -11.99 -9.91
CA ILE A 329 1.62 -11.58 -11.31
C ILE A 329 2.23 -10.17 -11.40
N GLN A 330 2.54 -9.74 -12.63
CA GLN A 330 3.09 -8.40 -12.85
C GLN A 330 1.93 -7.41 -12.94
N GLN A 331 1.40 -7.02 -11.78
CA GLN A 331 0.18 -6.21 -11.75
C GLN A 331 0.36 -4.91 -12.50
N GLN A 332 1.50 -4.24 -12.33
CA GLN A 332 1.68 -2.94 -12.98
C GLN A 332 1.57 -3.06 -14.50
N LEU A 333 2.14 -4.13 -15.07
CA LEU A 333 2.08 -4.32 -16.52
C LEU A 333 0.68 -4.74 -16.97
N ILE A 334 -0.04 -5.49 -16.14
CA ILE A 334 -1.40 -5.85 -16.50
C ILE A 334 -2.28 -4.60 -16.54
N LEU A 335 -2.17 -3.74 -15.53
CA LEU A 335 -2.98 -2.53 -15.52
C LEU A 335 -2.69 -1.61 -16.70
N GLU A 336 -1.50 -1.68 -17.29
CA GLU A 336 -1.25 -0.89 -18.49
C GLU A 336 -1.75 -1.58 -19.75
N HIS A 337 -2.28 -2.79 -19.66
CA HIS A 337 -2.70 -3.45 -20.89
C HIS A 337 -4.04 -2.88 -21.39
N PRO A 338 -4.16 -2.63 -22.70
CA PRO A 338 -5.36 -1.94 -23.21
C PRO A 338 -6.66 -2.73 -23.03
N SER A 339 -6.58 -4.03 -22.77
CA SER A 339 -7.80 -4.82 -22.53
C SER A 339 -8.50 -4.42 -21.24
N VAL A 340 -7.77 -3.87 -20.28
CA VAL A 340 -8.32 -3.68 -18.94
C VAL A 340 -9.21 -2.43 -18.93
N GLY A 341 -10.49 -2.61 -18.60
CA GLY A 341 -11.36 -1.45 -18.51
C GLY A 341 -11.77 -1.10 -17.09
N CYS A 342 -11.55 -2.02 -16.15
CA CYS A 342 -12.01 -1.86 -14.78
C CYS A 342 -11.03 -2.54 -13.84
N PHE A 343 -10.73 -1.87 -12.72
CA PHE A 343 -9.86 -2.39 -11.67
C PHE A 343 -10.68 -2.43 -10.38
N VAL A 344 -10.96 -3.65 -9.90
CA VAL A 344 -11.56 -3.86 -8.60
C VAL A 344 -10.43 -4.04 -7.62
N THR A 345 -10.29 -3.11 -6.67
CA THR A 345 -9.07 -3.03 -5.88
C THR A 345 -9.38 -3.06 -4.38
N HIS A 346 -8.49 -3.68 -3.59
CA HIS A 346 -8.59 -3.61 -2.13
C HIS A 346 -8.14 -2.27 -1.56
N CYS A 347 -7.71 -1.34 -2.41
CA CYS A 347 -7.37 0.02 -2.01
C CYS A 347 -6.07 0.10 -1.22
N GLY A 348 -5.17 -0.86 -1.43
CA GLY A 348 -3.79 -0.68 -1.00
C GLY A 348 -3.16 0.53 -1.65
N ALA A 349 -2.27 1.20 -0.91
CA ALA A 349 -1.69 2.46 -1.39
C ALA A 349 -0.95 2.30 -2.71
N GLY A 350 -0.27 1.17 -2.92
CA GLY A 350 0.46 0.99 -4.17
C GLY A 350 -0.48 0.72 -5.33
N SER A 351 -1.48 -0.14 -5.11
CA SER A 351 -2.47 -0.44 -6.14
C SER A 351 -3.26 0.80 -6.52
N ILE A 352 -3.53 1.68 -5.53
CA ILE A 352 -4.24 2.93 -5.84
C ILE A 352 -3.42 3.77 -6.83
N THR A 353 -2.12 3.94 -6.58
CA THR A 353 -1.30 4.72 -7.51
C THR A 353 -1.27 4.07 -8.89
N GLU A 354 -1.13 2.74 -8.93
CA GLU A 354 -1.08 2.05 -10.20
C GLU A 354 -2.36 2.20 -10.99
N GLY A 355 -3.51 2.24 -10.30
CA GLY A 355 -4.76 2.45 -11.04
C GLY A 355 -4.91 3.90 -11.46
N LEU A 356 -4.50 4.84 -10.61
CA LEU A 356 -4.68 6.25 -10.94
C LEU A 356 -3.91 6.62 -12.19
N VAL A 357 -2.70 6.08 -12.38
CA VAL A 357 -1.89 6.50 -13.52
C VAL A 357 -2.27 5.78 -14.80
N ASN A 358 -3.25 4.90 -14.74
CA ASN A 358 -3.75 4.21 -15.92
C ASN A 358 -5.18 4.64 -16.25
N ASN A 359 -5.78 3.99 -17.24
CA ASN A 359 -7.06 4.43 -17.80
C ASN A 359 -8.24 3.67 -17.18
N CYS A 360 -7.98 2.56 -16.50
CA CYS A 360 -9.03 1.68 -15.98
C CYS A 360 -9.98 2.41 -15.03
N GLN A 361 -11.27 2.09 -15.13
CA GLN A 361 -12.23 2.58 -14.15
C GLN A 361 -11.98 1.88 -12.81
N MET A 362 -12.11 2.61 -11.71
CA MET A 362 -11.82 2.07 -10.40
C MET A 362 -13.09 1.67 -9.64
N VAL A 363 -13.12 0.43 -9.15
CA VAL A 363 -14.14 -0.04 -8.23
C VAL A 363 -13.46 -0.34 -6.91
N LEU A 364 -13.96 0.26 -5.84
CA LEU A 364 -13.27 0.26 -4.57
C LEU A 364 -13.86 -0.80 -3.67
N LEU A 365 -13.04 -1.79 -3.33
CA LEU A 365 -13.40 -2.91 -2.45
C LEU A 365 -12.43 -2.98 -1.27
N PRO A 366 -12.36 -1.93 -0.46
CA PRO A 366 -11.36 -1.90 0.61
C PRO A 366 -11.54 -3.05 1.57
N GLN A 367 -10.42 -3.67 1.93
CA GLN A 367 -10.46 -4.72 2.91
C GLN A 367 -10.22 -4.11 4.30
N LEU A 368 -10.30 -4.92 5.34
CA LEU A 368 -10.46 -4.40 6.70
C LEU A 368 -9.10 -4.00 7.26
N ASN A 369 -8.72 -2.75 6.97
CA ASN A 369 -7.43 -2.16 7.26
C ASN A 369 -7.65 -0.66 7.18
N GLY A 370 -7.11 0.08 8.15
CA GLY A 370 -7.37 1.51 8.22
C GLY A 370 -6.95 2.26 6.96
N ASP A 371 -5.78 1.95 6.43
CA ASP A 371 -5.34 2.64 5.22
C ASP A 371 -6.21 2.30 4.03
N TYR A 372 -6.59 1.01 3.87
CA TYR A 372 -7.46 0.70 2.73
C TYR A 372 -8.78 1.45 2.83
N ILE A 373 -9.35 1.49 4.04
CA ILE A 373 -10.65 2.12 4.24
C ILE A 373 -10.56 3.62 3.97
N ILE A 374 -9.53 4.26 4.52
CA ILE A 374 -9.39 5.71 4.33
C ILE A 374 -9.06 6.04 2.87
N ASN A 375 -8.20 5.22 2.22
CA ASN A 375 -7.97 5.43 0.80
C ASN A 375 -9.28 5.32 0.04
N ALA A 376 -10.13 4.36 0.42
CA ALA A 376 -11.38 4.20 -0.30
C ALA A 376 -12.30 5.40 -0.11
N ARG A 377 -12.37 5.93 1.10
CA ARG A 377 -13.22 7.11 1.32
C ARG A 377 -12.69 8.31 0.54
N ILE A 378 -11.38 8.53 0.57
CA ILE A 378 -10.81 9.65 -0.17
C ILE A 378 -11.00 9.48 -1.67
N MET A 379 -10.78 8.27 -2.20
CA MET A 379 -10.97 8.12 -3.65
C MET A 379 -12.44 8.15 -4.03
N GLY A 380 -13.33 7.65 -3.19
CA GLY A 380 -14.74 7.59 -3.55
C GLY A 380 -15.50 8.87 -3.31
N ARG A 381 -15.15 9.59 -2.23
CA ARG A 381 -15.92 10.76 -1.82
C ARG A 381 -15.21 12.08 -2.00
N HIS A 382 -13.88 12.11 -1.95
CA HIS A 382 -13.18 13.38 -2.15
C HIS A 382 -12.72 13.57 -3.59
N LEU A 383 -11.85 12.69 -4.07
CA LEU A 383 -11.44 12.76 -5.47
C LEU A 383 -12.53 12.26 -6.41
N LYS A 384 -13.39 11.36 -5.93
CA LYS A 384 -14.51 10.81 -6.71
C LYS A 384 -14.02 10.19 -8.02
N VAL A 385 -12.96 9.37 -7.90
CA VAL A 385 -12.37 8.67 -9.04
C VAL A 385 -12.81 7.21 -9.11
N GLY A 386 -13.63 6.75 -8.18
CA GLY A 386 -14.07 5.36 -8.23
C GLY A 386 -15.40 5.21 -7.53
N VAL A 387 -15.99 4.02 -7.69
CA VAL A 387 -17.27 3.66 -7.07
C VAL A 387 -16.97 2.58 -6.03
N GLU A 388 -17.45 2.78 -4.80
CA GLU A 388 -17.17 1.83 -3.73
C GLU A 388 -18.33 0.84 -3.60
N VAL A 389 -17.98 -0.44 -3.49
CA VAL A 389 -18.94 -1.50 -3.25
C VAL A 389 -19.51 -1.37 -1.83
N LYS A 390 -20.84 -1.39 -1.73
CA LYS A 390 -21.56 -1.26 -0.47
C LYS A 390 -21.29 -2.45 0.46
N LYS A 391 -20.98 -2.17 1.73
CA LYS A 391 -20.79 -3.15 2.79
C LYS A 391 -21.87 -2.97 3.86
N GLY A 392 -22.27 -4.08 4.51
CA GLY A 392 -23.15 -3.99 5.66
C GLY A 392 -22.58 -3.10 6.74
N GLU A 393 -23.40 -2.19 7.28
CA GLU A 393 -22.92 -1.24 8.28
C GLU A 393 -22.26 -1.92 9.48
N GLU A 394 -22.86 -3.02 9.96
CA GLU A 394 -22.39 -3.69 11.17
C GLU A 394 -21.57 -4.95 10.87
N ASP A 395 -21.86 -5.64 9.75
CA ASP A 395 -21.17 -6.91 9.46
C ASP A 395 -20.02 -6.77 8.47
N GLY A 396 -19.92 -5.65 7.76
CA GLY A 396 -18.80 -5.44 6.84
C GLY A 396 -18.73 -6.40 5.67
N LEU A 397 -19.86 -6.99 5.30
CA LEU A 397 -19.94 -7.95 4.21
C LEU A 397 -20.60 -7.32 2.99
N PHE A 398 -20.23 -7.78 1.80
CA PHE A 398 -20.91 -7.34 0.58
C PHE A 398 -21.68 -8.49 -0.06
N THR A 399 -22.63 -8.11 -0.90
CA THR A 399 -23.36 -9.08 -1.72
C THR A 399 -22.76 -9.15 -3.13
N LYS A 400 -23.03 -10.26 -3.81
CA LYS A 400 -22.67 -10.36 -5.20
C LYS A 400 -23.37 -9.29 -6.03
N GLU A 401 -24.60 -8.92 -5.66
CA GLU A 401 -25.29 -7.87 -6.41
C GLU A 401 -24.61 -6.52 -6.25
N SER A 402 -24.00 -6.24 -5.10
CA SER A 402 -23.33 -4.94 -4.95
C SER A 402 -22.04 -4.86 -5.76
N VAL A 403 -21.31 -5.97 -5.88
CA VAL A 403 -20.14 -6.07 -6.76
C VAL A 403 -20.56 -5.87 -8.21
N TYR A 404 -21.59 -6.62 -8.63
CA TYR A 404 -22.10 -6.49 -9.98
C TYR A 404 -22.50 -5.04 -10.29
N GLU A 405 -23.24 -4.39 -9.38
CA GLU A 405 -23.71 -3.04 -9.68
C GLU A 405 -22.57 -2.07 -9.84
N ALA A 406 -21.56 -2.14 -8.96
CA ALA A 406 -20.46 -1.19 -9.06
C ALA A 406 -19.74 -1.31 -10.39
N VAL A 407 -19.47 -2.54 -10.81
CA VAL A 407 -18.74 -2.76 -12.06
C VAL A 407 -19.59 -2.33 -13.24
N LYS A 408 -20.88 -2.67 -13.22
CA LYS A 408 -21.80 -2.29 -14.28
C LYS A 408 -21.87 -0.78 -14.44
N ILE A 409 -21.96 -0.07 -13.32
CA ILE A 409 -22.02 1.39 -13.34
C ILE A 409 -20.80 1.98 -14.04
N VAL A 410 -19.59 1.55 -13.65
CA VAL A 410 -18.42 2.22 -14.24
C VAL A 410 -18.14 1.74 -15.66
N MET A 411 -18.59 0.54 -16.04
CA MET A 411 -18.34 0.03 -17.38
C MET A 411 -19.33 0.56 -18.41
N ASP A 412 -20.46 1.11 -17.96
CA ASP A 412 -21.53 1.60 -18.85
C ASP A 412 -21.17 2.99 -19.37
N ASP A 413 -20.83 3.06 -20.66
CA ASP A 413 -20.50 4.32 -21.33
C ASP A 413 -21.59 5.37 -21.16
N GLU A 414 -22.83 4.94 -20.96
CA GLU A 414 -23.97 5.84 -20.90
C GLU A 414 -24.42 6.15 -19.48
N ASN A 415 -23.74 5.59 -18.47
CA ASN A 415 -24.09 5.83 -17.07
C ASN A 415 -23.42 7.10 -16.57
N GLU A 416 -24.18 7.99 -15.94
CA GLU A 416 -23.64 9.30 -15.64
C GLU A 416 -22.63 9.25 -14.50
N ILE A 417 -22.83 8.35 -13.53
CA ILE A 417 -21.83 8.19 -12.46
C ILE A 417 -20.54 7.62 -13.05
N GLY A 418 -20.65 6.66 -13.96
CA GLY A 418 -19.48 6.15 -14.65
C GLY A 418 -18.73 7.21 -15.42
N ARG A 419 -19.44 8.06 -16.17
CA ARG A 419 -18.77 9.13 -16.88
C ARG A 419 -18.12 10.10 -15.92
N GLU A 420 -18.75 10.37 -14.80
CA GLU A 420 -18.18 11.30 -13.82
C GLU A 420 -16.88 10.76 -13.24
N VAL A 421 -16.89 9.50 -12.79
CA VAL A 421 -15.65 8.98 -12.19
C VAL A 421 -14.57 8.83 -13.26
N ARG A 422 -14.94 8.55 -14.51
CA ARG A 422 -13.92 8.56 -15.56
C ARG A 422 -13.31 9.93 -15.71
N SER A 423 -14.15 10.97 -15.72
CA SER A 423 -13.68 12.34 -15.91
C SER A 423 -12.79 12.78 -14.75
N ASN A 424 -13.17 12.43 -13.52
CA ASN A 424 -12.38 12.81 -12.36
C ASN A 424 -11.07 12.03 -12.32
N HIS A 425 -11.12 10.75 -12.68
CA HIS A 425 -9.89 9.96 -12.77
C HIS A 425 -8.94 10.58 -13.80
N THR A 426 -9.46 11.02 -14.93
CA THR A 426 -8.61 11.68 -15.91
C THR A 426 -7.96 12.94 -15.34
N LYS A 427 -8.71 13.73 -14.58
CA LYS A 427 -8.14 14.91 -13.94
C LYS A 427 -6.97 14.53 -13.02
N VAL A 428 -7.16 13.48 -12.20
CA VAL A 428 -6.12 13.09 -11.26
C VAL A 428 -4.91 12.49 -11.99
N ARG A 429 -5.15 11.63 -12.98
CA ARG A 429 -4.05 11.11 -13.79
C ARG A 429 -3.27 12.24 -14.44
N ASN A 430 -3.96 13.22 -15.02
CA ASN A 430 -3.25 14.32 -15.67
C ASN A 430 -2.39 15.11 -14.67
N LEU A 431 -2.86 15.25 -13.43
CA LEU A 431 -2.03 15.91 -12.41
C LEU A 431 -0.82 15.05 -12.06
N LEU A 432 -1.05 13.79 -11.71
CA LEU A 432 0.07 12.97 -11.25
C LEU A 432 1.12 12.80 -12.34
N LEU A 433 0.70 12.70 -13.59
CA LEU A 433 1.64 12.56 -14.70
C LEU A 433 2.10 13.89 -15.28
N ARG A 434 1.68 15.02 -14.73
CA ARG A 434 2.13 16.31 -15.28
C ARG A 434 3.65 16.35 -15.37
N HIS A 435 4.15 16.97 -16.45
CA HIS A 435 5.58 16.85 -16.76
C HIS A 435 6.47 17.32 -15.63
N ASP A 436 6.00 18.26 -14.81
CA ASP A 436 6.83 18.79 -13.73
C ASP A 436 6.33 18.45 -12.33
N LEU A 437 5.32 17.59 -12.19
CA LEU A 437 4.77 17.34 -10.85
C LEU A 437 5.75 16.51 -10.02
N GLU A 438 6.06 15.28 -10.46
CA GLU A 438 6.93 14.46 -9.63
C GLU A 438 8.33 15.07 -9.52
N SER A 439 8.84 15.67 -10.60
CA SER A 439 10.20 16.21 -10.53
C SER A 439 10.27 17.39 -9.56
N SER A 440 9.24 18.22 -9.52
CA SER A 440 9.26 19.33 -8.57
C SER A 440 9.00 18.85 -7.15
N CYS A 441 8.20 17.80 -6.97
CA CYS A 441 8.12 17.18 -5.65
C CYS A 441 9.50 16.71 -5.19
N LEU A 442 10.21 16.03 -6.09
CA LEU A 442 11.53 15.51 -5.71
C LEU A 442 12.53 16.64 -5.53
N ASP A 443 12.43 17.71 -6.30
CA ASP A 443 13.30 18.88 -6.07
C ASP A 443 13.19 19.33 -4.62
N THR A 444 11.95 19.57 -4.16
CA THR A 444 11.75 20.02 -2.79
C THR A 444 12.18 18.95 -1.79
N PHE A 445 11.79 17.70 -2.03
CA PHE A 445 12.16 16.59 -1.16
C PHE A 445 13.66 16.56 -0.92
N CYS A 446 14.44 16.63 -1.99
CA CYS A 446 15.88 16.52 -1.85
C CYS A 446 16.47 17.76 -1.19
N GLU A 447 15.92 18.95 -1.43
CA GLU A 447 16.38 20.13 -0.70
C GLU A 447 16.17 19.98 0.79
N LYS A 448 14.99 19.46 1.18
CA LYS A 448 14.67 19.33 2.61
C LYS A 448 15.49 18.22 3.26
N LEU A 449 15.85 17.18 2.49
CA LEU A 449 16.79 16.19 3.00
C LEU A 449 18.17 16.81 3.21
N GLN A 450 18.59 17.70 2.31
CA GLN A 450 19.87 18.38 2.49
C GLN A 450 19.86 19.26 3.73
N GLU A 451 18.75 19.97 3.97
CA GLU A 451 18.62 20.72 5.22
C GLU A 451 18.72 19.79 6.42
N LEU A 452 18.14 18.60 6.33
CA LEU A 452 18.11 17.68 7.45
C LEU A 452 19.52 17.27 7.86
N VAL A 453 20.42 17.10 6.90
CA VAL A 453 21.79 16.68 7.22
C VAL A 453 22.70 17.89 7.34
N SER A 454 22.12 19.08 7.28
CA SER A 454 22.92 20.29 7.48
C SER A 454 23.02 20.65 8.96
N1 UDP B . 1.61 -6.78 -6.70
C2 UDP B . 2.09 -7.41 -7.83
N3 UDP B . 1.55 -8.66 -8.05
C4 UDP B . 0.64 -9.32 -7.25
C5 UDP B . 0.22 -8.61 -6.08
C6 UDP B . 0.73 -7.39 -5.84
O2 UDP B . 2.88 -6.89 -8.60
O4 UDP B . 0.26 -10.45 -7.59
C1' UDP B . 2.19 -5.47 -6.36
C2' UDP B . 1.28 -4.28 -6.69
O2' UDP B . 1.45 -3.90 -8.04
C3' UDP B . 1.80 -3.25 -5.68
C4' UDP B . 2.11 -4.12 -4.45
O4' UDP B . 2.36 -5.45 -4.97
O3' UDP B . 2.95 -2.57 -6.18
C5' UDP B . 0.98 -4.24 -3.47
O5' UDP B . 0.95 -3.05 -2.70
PA UDP B . -0.45 -2.50 -2.17
O1A UDP B . -0.15 -1.39 -1.23
O2A UDP B . -1.38 -2.26 -3.32
O3A UDP B . -1.04 -3.79 -1.42
PB UDP B . -0.58 -5.07 -0.51
O1B UDP B . 0.58 -4.58 0.34
O2B UDP B . -1.83 -5.36 0.31
O3B UDP B . -0.20 -6.21 -1.43
C19 A1EGV C . -3.98 2.01 10.44
C20 A1EGV C . -3.38 1.25 9.46
C21 A1EGV C . -1.98 1.25 9.32
C16 A1EGV C . -1.24 2.05 10.19
C17 A1EGV C . -1.80 2.84 11.17
C18 A1EGV C . -3.18 2.79 11.30
C1A A1EGV C . -1.28 0.47 8.32
C2A A1EGV C . 0.11 0.54 8.25
C9 A1EGV C . 0.79 1.34 9.16
C10 A1EGV C . 2.24 1.58 9.21
C15 A1EGV C . 3.07 1.33 8.12
C14 A1EGV C . 4.42 1.61 8.18
C13 A1EGV C . 4.96 2.22 9.31
C12 A1EGV C . 4.12 2.53 10.38
C11 A1EGV C . 2.78 2.24 10.32
O9 A1EGV C . 0.12 2.11 10.06
O1A A1EGV C . -1.94 -0.23 7.49
O8 A1EGV C . 6.28 2.53 9.39
O2A A1EGV C . 0.82 -0.24 7.37
O10 A1EGV C . -3.76 3.53 12.26
O11 A1EGV C . -4.13 0.51 8.62
C2 A1EGV C . 1.47 -2.32 6.38
C3 A1EGV C . 1.11 -3.79 6.28
C4 A1EGV C . 0.93 -4.42 7.64
C5 A1EGV C . -0.04 -3.60 8.50
C6 A1EGV C . -0.12 -4.15 9.90
C1 A1EGV C . 0.48 -1.62 7.29
O2 A1EGV C . 1.44 -1.72 5.09
O3 A1EGV C . 2.13 -4.48 5.57
O4 A1EGV C . 0.44 -5.76 7.50
O5 A1EGV C . 0.42 -2.23 8.57
O6 A1EGV C . -1.27 -3.69 10.59
#